data_6AFI
#
_entry.id   6AFI
#
_cell.length_a   75.390
_cell.length_b   75.390
_cell.length_c   75.750
_cell.angle_alpha   90.00
_cell.angle_beta   90.00
_cell.angle_gamma   120.00
#
_symmetry.space_group_name_H-M   'P 31 2 1'
#
loop_
_entity.id
_entity.type
_entity.pdbx_description
1 polymer 'Protein/nucleic acid deglycase DJ-1'
2 non-polymer 1-ethylindole-2,3-dione
3 non-polymer 'CHLORIDE ION'
4 water water
#
_entity_poly.entity_id   1
_entity_poly.type   'polypeptide(L)'
_entity_poly.pdbx_seq_one_letter_code
;MASKRALVILAKGAEEMETVIPVDVMRRAGIKVTVAGLAGKDPVQCSRDVVICPDASLEDAKKEGPYDVVVLPGGNLGAQ
NLSESAAVKEILKEQENRKGLIAAICAGPTALLAHEIGFGSKVTTHPLAKDKMMNGGHYTYSENRVEKDGLILTSRGPGT
SFEFALAIVEALNGKEVAAQVKAPLVLKD
;
_entity_poly.pdbx_strand_id   A
#
# COMPACT_ATOMS: atom_id res chain seq x y z
N ALA A 2 -18.91 12.25 0.53
CA ALA A 2 -18.22 11.89 -0.74
C ALA A 2 -17.39 10.61 -0.55
N SER A 3 -17.29 9.84 -1.63
CA SER A 3 -16.52 8.60 -1.61
C SER A 3 -15.03 8.85 -1.51
N LYS A 4 -14.38 8.07 -0.67
CA LYS A 4 -12.91 8.09 -0.60
C LYS A 4 -12.30 7.35 -1.81
N ARG A 5 -11.06 7.71 -2.13
CA ARG A 5 -10.38 7.25 -3.31
C ARG A 5 -9.03 6.71 -2.91
N ALA A 6 -8.69 5.55 -3.48
CA ALA A 6 -7.43 4.86 -3.22
C ALA A 6 -6.64 4.62 -4.50
N LEU A 7 -5.34 4.90 -4.45
CA LEU A 7 -4.42 4.56 -5.52
C LEU A 7 -3.58 3.38 -5.08
N VAL A 8 -3.72 2.28 -5.80
CA VAL A 8 -2.86 1.10 -5.57
C VAL A 8 -1.88 0.99 -6.72
N ILE A 9 -0.60 1.13 -6.40
CA ILE A 9 0.45 1.09 -7.41
C ILE A 9 0.96 -0.31 -7.64
N LEU A 10 0.74 -0.78 -8.86
CA LEU A 10 1.01 -2.15 -9.27
C LEU A 10 2.21 -2.28 -10.22
N ALA A 11 3.29 -2.85 -9.69
CA ALA A 11 4.55 -3.08 -10.39
C ALA A 11 4.78 -4.55 -10.68
N LYS A 12 5.52 -4.83 -11.74
CA LYS A 12 5.98 -6.16 -11.99
C LYS A 12 6.64 -6.74 -10.73
N GLY A 13 6.23 -7.96 -10.36
CA GLY A 13 6.78 -8.68 -9.22
C GLY A 13 6.08 -8.32 -7.92
N ALA A 14 5.00 -7.55 -8.00
CA ALA A 14 4.14 -7.29 -6.81
C ALA A 14 3.65 -8.62 -6.27
N GLU A 15 3.46 -8.68 -4.95
CA GLU A 15 2.80 -9.86 -4.36
C GLU A 15 1.31 -9.72 -4.66
N GLU A 16 0.79 -10.68 -5.43
CA GLU A 16 -0.58 -10.60 -5.91
C GLU A 16 -1.61 -10.64 -4.78
N MET A 17 -1.35 -11.41 -3.72
CA MET A 17 -2.28 -11.47 -2.61
C MET A 17 -2.37 -10.10 -1.91
N GLU A 18 -1.21 -9.47 -1.73
CA GLU A 18 -1.12 -8.15 -1.10
C GLU A 18 -1.68 -7.03 -1.96
N THR A 19 -1.84 -7.31 -3.26
CA THR A 19 -2.45 -6.38 -4.17
C THR A 19 -3.99 -6.56 -4.14
N VAL A 20 -4.41 -7.82 -4.36
CA VAL A 20 -5.84 -8.12 -4.52
C VAL A 20 -6.66 -7.98 -3.23
N ILE A 21 -6.10 -8.37 -2.08
CA ILE A 21 -6.89 -8.35 -0.85
C ILE A 21 -7.23 -6.89 -0.50
N PRO A 22 -6.23 -5.96 -0.50
CA PRO A 22 -6.63 -4.58 -0.21
C PRO A 22 -7.58 -3.98 -1.28
N VAL A 23 -7.35 -4.25 -2.55
CA VAL A 23 -8.25 -3.72 -3.59
C VAL A 23 -9.70 -4.18 -3.34
N ASP A 24 -9.88 -5.47 -3.14
CA ASP A 24 -11.18 -6.06 -2.95
C ASP A 24 -11.84 -5.50 -1.66
N VAL A 25 -11.12 -5.59 -0.55
CA VAL A 25 -11.65 -5.14 0.71
C VAL A 25 -12.02 -3.63 0.68
N MET A 26 -11.19 -2.80 0.06
CA MET A 26 -11.48 -1.37 -0.04
C MET A 26 -12.75 -1.13 -0.90
N ARG A 27 -12.87 -1.89 -1.98
CA ARG A 27 -14.10 -1.81 -2.83
C ARG A 27 -15.35 -2.26 -2.08
N ARG A 28 -15.21 -3.29 -1.25
CA ARG A 28 -16.30 -3.67 -0.34
C ARG A 28 -16.73 -2.55 0.60
N ALA A 29 -15.76 -1.71 0.97
CA ALA A 29 -15.98 -0.56 1.86
C ALA A 29 -16.50 0.65 1.11
N GLY A 30 -16.75 0.52 -0.20
CA GLY A 30 -17.26 1.66 -0.98
C GLY A 30 -16.20 2.66 -1.41
N ILE A 31 -14.92 2.31 -1.26
CA ILE A 31 -13.83 3.14 -1.70
C ILE A 31 -13.67 2.98 -3.22
N LYS A 32 -13.44 4.10 -3.91
CA LYS A 32 -13.12 4.08 -5.31
C LYS A 32 -11.66 3.79 -5.47
N VAL A 33 -11.34 2.58 -5.90
CA VAL A 33 -9.98 2.12 -6.04
C VAL A 33 -9.49 2.12 -7.50
N THR A 34 -8.34 2.76 -7.70
CA THR A 34 -7.61 2.67 -8.96
C THR A 34 -6.35 1.84 -8.86
N VAL A 35 -6.39 0.69 -9.52
CA VAL A 35 -5.23 -0.15 -9.71
C VAL A 35 -4.39 0.41 -10.87
N ALA A 36 -3.27 1.02 -10.49
CA ALA A 36 -2.43 1.78 -11.45
C ALA A 36 -1.13 1.05 -11.79
N GLY A 37 -0.93 0.81 -13.08
CA GLY A 37 0.22 0.08 -13.54
C GLY A 37 1.42 1.01 -13.56
N LEU A 38 2.47 0.63 -12.82
CA LEU A 38 3.70 1.41 -12.79
C LEU A 38 4.26 1.60 -14.20
N ALA A 39 4.37 0.50 -14.93
CA ALA A 39 5.02 0.47 -16.26
C ALA A 39 4.17 0.96 -17.42
N GLY A 40 2.90 1.31 -17.15
CA GLY A 40 1.93 1.65 -18.19
C GLY A 40 0.59 0.92 -18.05
N LYS A 41 -0.10 0.72 -19.17
CA LYS A 41 -1.47 0.22 -19.16
C LYS A 41 -1.59 -1.30 -19.26
N ASP A 42 -0.47 -1.98 -19.57
CA ASP A 42 -0.49 -3.39 -19.93
C ASP A 42 -0.58 -4.29 -18.69
N PRO A 43 -0.95 -5.56 -18.90
CA PRO A 43 -1.10 -6.49 -17.78
C PRO A 43 0.21 -6.64 -17.02
N VAL A 44 0.10 -6.86 -15.72
CA VAL A 44 1.27 -6.98 -14.85
C VAL A 44 1.42 -8.40 -14.35
N GLN A 45 2.61 -8.97 -14.54
CA GLN A 45 2.98 -10.26 -14.05
C GLN A 45 3.45 -10.12 -12.61
N CYS A 46 2.60 -10.56 -11.69
CA CYS A 46 2.94 -10.53 -10.26
C CYS A 46 3.94 -11.63 -9.89
N SER A 47 4.39 -11.61 -8.62
CA SER A 47 5.43 -12.49 -8.13
C SER A 47 5.26 -13.99 -8.32
N ARG A 48 4.02 -14.45 -8.18
CA ARG A 48 3.69 -15.87 -8.34
C ARG A 48 2.90 -16.07 -9.63
N ASP A 49 3.18 -15.19 -10.60
CA ASP A 49 2.73 -15.35 -11.98
C ASP A 49 1.26 -15.11 -12.26
N VAL A 50 0.50 -14.66 -11.26
CA VAL A 50 -0.81 -14.15 -11.53
C VAL A 50 -0.69 -12.84 -12.32
N VAL A 51 -1.49 -12.74 -13.37
CA VAL A 51 -1.45 -11.58 -14.28
C VAL A 51 -2.70 -10.72 -14.07
N ILE A 52 -2.48 -9.49 -13.63
CA ILE A 52 -3.54 -8.56 -13.35
C ILE A 52 -3.49 -7.43 -14.36
N CYS A 53 -4.66 -7.10 -14.88
CA CYS A 53 -4.81 -5.96 -15.79
C CYS A 53 -5.15 -4.72 -14.98
N PRO A 54 -4.23 -3.72 -14.97
CA PRO A 54 -4.53 -2.51 -14.22
C PRO A 54 -5.68 -1.70 -14.84
N ASP A 55 -6.33 -0.90 -13.99
CA ASP A 55 -7.42 -0.05 -14.41
C ASP A 55 -6.91 1.07 -15.33
N ALA A 56 -5.64 1.45 -15.12
CA ALA A 56 -4.99 2.60 -15.77
C ALA A 56 -3.48 2.51 -15.58
N SER A 57 -2.74 3.27 -16.37
CA SER A 57 -1.35 3.53 -16.12
C SER A 57 -1.24 4.46 -14.91
N LEU A 58 -0.10 4.40 -14.24
CA LEU A 58 0.19 5.34 -13.15
C LEU A 58 0.19 6.79 -13.67
N GLU A 59 0.76 6.97 -14.86
CA GLU A 59 0.83 8.30 -15.52
C GLU A 59 -0.57 8.89 -15.61
N ASP A 60 -1.52 8.09 -16.09
CA ASP A 60 -2.91 8.54 -16.18
C ASP A 60 -3.60 8.69 -14.84
N ALA A 61 -3.38 7.75 -13.91
CA ALA A 61 -4.04 7.83 -12.61
C ALA A 61 -3.57 9.05 -11.82
N LYS A 62 -2.30 9.41 -11.95
CA LYS A 62 -1.76 10.58 -11.25
C LYS A 62 -2.54 11.86 -11.62
N LYS A 63 -2.99 11.94 -12.86
CA LYS A 63 -3.74 13.11 -13.32
C LYS A 63 -5.08 13.24 -12.62
N GLU A 64 -5.58 12.13 -12.07
CA GLU A 64 -6.87 12.12 -11.38
C GLU A 64 -6.71 12.28 -9.87
N GLY A 65 -5.47 12.42 -9.40
CA GLY A 65 -5.21 12.63 -7.96
C GLY A 65 -5.67 14.00 -7.47
N PRO A 66 -5.51 14.27 -6.17
CA PRO A 66 -4.88 13.35 -5.22
C PRO A 66 -5.86 12.32 -4.64
N TYR A 67 -5.30 11.36 -3.92
CA TYR A 67 -6.06 10.24 -3.37
C TYR A 67 -6.04 10.27 -1.84
N ASP A 68 -7.06 9.69 -1.22
CA ASP A 68 -7.14 9.65 0.23
C ASP A 68 -6.13 8.64 0.84
N VAL A 69 -5.75 7.65 0.04
CA VAL A 69 -4.68 6.72 0.38
C VAL A 69 -3.89 6.30 -0.86
N VAL A 70 -2.59 6.19 -0.70
CA VAL A 70 -1.73 5.58 -1.68
C VAL A 70 -1.23 4.27 -1.04
N VAL A 71 -1.41 3.19 -1.79
CA VAL A 71 -1.13 1.81 -1.29
C VAL A 71 0.00 1.16 -2.06
N LEU A 72 1.00 0.68 -1.32
CA LEU A 72 2.13 0.00 -1.88
C LEU A 72 2.12 -1.47 -1.46
N PRO A 73 1.76 -2.37 -2.37
CA PRO A 73 1.93 -3.81 -2.12
C PRO A 73 3.40 -4.19 -1.93
N GLY A 74 3.66 -5.37 -1.39
CA GLY A 74 5.02 -5.87 -1.29
C GLY A 74 5.37 -6.79 -2.44
N GLY A 75 6.12 -7.84 -2.12
CA GLY A 75 6.85 -8.60 -3.12
C GLY A 75 8.23 -7.93 -3.29
N ASN A 76 9.30 -8.71 -3.19
CA ASN A 76 10.65 -8.07 -3.24
C ASN A 76 10.88 -7.30 -4.52
N LEU A 77 10.56 -7.93 -5.64
CA LEU A 77 10.83 -7.35 -6.94
C LEU A 77 9.85 -6.19 -7.21
N GLY A 78 8.60 -6.33 -6.76
CA GLY A 78 7.65 -5.22 -6.85
C GLY A 78 8.11 -4.02 -6.05
N ALA A 79 8.57 -4.26 -4.82
CA ALA A 79 9.01 -3.17 -3.98
C ALA A 79 10.24 -2.50 -4.55
N GLN A 80 11.15 -3.28 -5.13
CA GLN A 80 12.33 -2.73 -5.78
CA GLN A 80 12.33 -2.73 -5.80
C GLN A 80 11.93 -1.81 -6.95
N ASN A 81 10.97 -2.27 -7.77
CA ASN A 81 10.48 -1.45 -8.85
C ASN A 81 9.86 -0.15 -8.34
N LEU A 82 9.07 -0.22 -7.26
CA LEU A 82 8.50 1.00 -6.67
C LEU A 82 9.62 1.93 -6.13
N SER A 83 10.64 1.34 -5.52
CA SER A 83 11.76 2.07 -4.89
C SER A 83 12.62 2.83 -5.90
N GLU A 84 12.69 2.28 -7.11
CA GLU A 84 13.50 2.84 -8.19
C GLU A 84 12.76 3.87 -9.04
N SER A 85 11.45 4.03 -8.81
CA SER A 85 10.62 4.89 -9.64
C SER A 85 10.56 6.34 -9.22
N ALA A 86 11.01 7.23 -10.12
CA ALA A 86 10.85 8.67 -9.90
C ALA A 86 9.38 9.08 -9.79
N ALA A 87 8.51 8.44 -10.58
CA ALA A 87 7.08 8.71 -10.53
C ALA A 87 6.51 8.39 -9.15
N VAL A 88 6.92 7.26 -8.59
CA VAL A 88 6.47 6.91 -7.24
C VAL A 88 6.99 7.92 -6.22
N LYS A 89 8.26 8.31 -6.36
CA LYS A 89 8.83 9.30 -5.44
C LYS A 89 7.95 10.54 -5.37
N GLU A 90 7.59 11.07 -6.55
CA GLU A 90 6.78 12.28 -6.67
C GLU A 90 5.40 12.10 -6.03
N ILE A 91 4.75 10.97 -6.34
CA ILE A 91 3.46 10.68 -5.75
C ILE A 91 3.49 10.62 -4.22
N LEU A 92 4.49 9.95 -3.67
CA LEU A 92 4.56 9.79 -2.20
C LEU A 92 4.90 11.10 -1.50
N LYS A 93 5.84 11.83 -2.08
CA LYS A 93 6.22 13.18 -1.55
C LYS A 93 5.00 14.08 -1.50
N GLU A 94 4.26 14.13 -2.62
CA GLU A 94 3.04 14.94 -2.67
C GLU A 94 2.05 14.47 -1.61
N GLN A 95 1.86 13.16 -1.50
CA GLN A 95 0.92 12.64 -0.52
C GLN A 95 1.31 12.99 0.92
N GLU A 96 2.59 12.86 1.22
CA GLU A 96 3.08 13.17 2.56
C GLU A 96 2.88 14.68 2.83
N ASN A 97 3.20 15.50 1.84
CA ASN A 97 3.12 16.95 1.98
CA ASN A 97 3.12 16.95 1.99
C ASN A 97 1.69 17.42 2.27
N ARG A 98 0.71 16.79 1.63
CA ARG A 98 -0.71 17.11 1.87
C ARG A 98 -1.35 16.40 3.07
N LYS A 99 -0.55 15.66 3.84
CA LYS A 99 -1.06 14.94 5.00
C LYS A 99 -2.12 13.91 4.60
N GLY A 100 -1.83 13.23 3.50
CA GLY A 100 -2.62 12.07 3.07
C GLY A 100 -2.00 10.75 3.54
N LEU A 101 -2.87 9.75 3.75
CA LEU A 101 -2.46 8.43 4.18
C LEU A 101 -1.61 7.69 3.15
N ILE A 102 -0.55 7.05 3.66
CA ILE A 102 0.27 6.14 2.87
C ILE A 102 0.31 4.80 3.59
N ALA A 103 0.03 3.75 2.81
CA ALA A 103 -0.10 2.39 3.32
C ALA A 103 0.83 1.44 2.54
N ALA A 104 1.62 0.65 3.25
CA ALA A 104 2.58 -0.23 2.61
C ALA A 104 2.74 -1.53 3.39
N ILE A 105 2.88 -2.63 2.67
CA ILE A 105 2.90 -3.98 3.28
C ILE A 105 4.06 -4.83 2.78
N CYS A 106 4.59 -5.64 3.70
CA CYS A 106 5.58 -6.67 3.43
C CYS A 106 6.95 -6.03 3.12
N ALA A 107 7.45 -6.13 1.89
CA ALA A 107 8.64 -5.32 1.48
C ALA A 107 8.25 -3.92 1.00
N GLY A 108 6.97 -3.67 0.79
CA GLY A 108 6.48 -2.37 0.37
C GLY A 108 7.02 -1.18 1.14
N PRO A 109 7.12 -1.29 2.48
CA PRO A 109 7.62 -0.12 3.21
C PRO A 109 9.07 0.28 2.85
N THR A 110 9.87 -0.63 2.29
CA THR A 110 11.22 -0.27 1.88
C THR A 110 11.22 0.80 0.79
N ALA A 111 10.11 0.94 0.05
CA ALA A 111 9.98 2.07 -0.89
C ALA A 111 9.86 3.41 -0.18
N LEU A 112 9.28 3.41 1.02
CA LEU A 112 9.23 4.63 1.84
C LEU A 112 10.65 5.06 2.20
N LEU A 113 11.49 4.10 2.54
CA LEU A 113 12.90 4.40 2.81
C LEU A 113 13.59 4.99 1.59
N ALA A 114 13.43 4.33 0.45
CA ALA A 114 14.06 4.74 -0.80
C ALA A 114 13.70 6.19 -1.16
N HIS A 115 12.46 6.56 -0.88
CA HIS A 115 11.94 7.87 -1.26
C HIS A 115 11.94 8.86 -0.10
N GLU A 116 12.57 8.49 1.04
CA GLU A 116 12.70 9.35 2.23
C GLU A 116 11.37 9.86 2.79
N ILE A 117 10.42 8.93 2.91
CA ILE A 117 9.08 9.23 3.34
C ILE A 117 8.88 8.75 4.76
N GLY A 118 8.32 9.63 5.60
CA GLY A 118 7.86 9.21 6.91
C GLY A 118 8.96 8.96 7.93
N PHE A 119 10.15 9.52 7.71
CA PHE A 119 11.23 9.27 8.66
C PHE A 119 10.81 9.65 10.09
N GLY A 120 11.21 8.81 11.04
CA GLY A 120 10.85 8.94 12.41
C GLY A 120 9.63 8.12 12.79
N SER A 121 8.88 7.63 11.79
CA SER A 121 7.72 6.81 12.08
C SER A 121 8.08 5.45 12.67
N LYS A 122 7.16 4.94 13.48
CA LYS A 122 7.14 3.54 13.86
C LYS A 122 6.55 2.73 12.68
N VAL A 123 7.25 1.69 12.26
CA VAL A 123 6.87 0.91 11.10
C VAL A 123 7.10 -0.57 11.37
N THR A 124 6.37 -1.39 10.63
CA THR A 124 6.69 -2.81 10.49
C THR A 124 6.89 -3.17 9.01
N THR A 125 7.44 -4.36 8.80
CA THR A 125 7.69 -4.93 7.50
C THR A 125 7.60 -6.44 7.65
N HIS A 126 7.73 -7.13 6.53
CA HIS A 126 8.01 -8.53 6.60
C HIS A 126 9.32 -8.72 7.41
N PRO A 127 9.39 -9.79 8.22
CA PRO A 127 10.62 -10.04 8.97
C PRO A 127 11.88 -10.01 8.10
N LEU A 128 11.80 -10.53 6.86
CA LEU A 128 12.97 -10.58 5.97
C LEU A 128 13.38 -9.24 5.38
N ALA A 129 12.51 -8.23 5.50
CA ALA A 129 12.77 -6.88 5.01
C ALA A 129 13.19 -5.92 6.12
N LYS A 130 13.26 -6.41 7.35
CA LYS A 130 13.57 -5.52 8.49
C LYS A 130 14.92 -4.82 8.31
N ASP A 131 15.96 -5.61 8.03
CA ASP A 131 17.29 -5.03 7.99
C ASP A 131 17.40 -3.95 6.93
N LYS A 132 16.75 -4.16 5.78
CA LYS A 132 16.75 -3.18 4.70
C LYS A 132 16.03 -1.92 5.18
N MET A 133 14.84 -2.08 5.77
CA MET A 133 14.05 -0.93 6.22
C MET A 133 14.81 -0.11 7.25
N MET A 134 15.57 -0.81 8.11
CA MET A 134 16.22 -0.18 9.26
C MET A 134 17.62 0.35 8.97
N ASN A 135 18.05 0.28 7.71
CA ASN A 135 19.38 0.76 7.30
C ASN A 135 19.47 2.27 7.56
N GLY A 136 20.29 2.68 8.54
CA GLY A 136 20.38 4.10 8.94
C GLY A 136 19.57 4.48 10.17
N GLY A 137 18.71 3.57 10.65
CA GLY A 137 17.89 3.84 11.82
C GLY A 137 16.90 4.99 11.67
N HIS A 138 16.38 5.18 10.45
CA HIS A 138 15.46 6.31 10.14
C HIS A 138 14.02 6.11 10.61
N TYR A 139 13.71 4.88 10.98
CA TYR A 139 12.45 4.49 11.56
C TYR A 139 12.66 3.72 12.84
N THR A 140 11.59 3.58 13.60
CA THR A 140 11.57 2.69 14.72
C THR A 140 10.77 1.43 14.36
N TYR A 141 11.35 0.27 14.65
CA TYR A 141 10.76 -0.99 14.19
C TYR A 141 9.77 -1.61 15.15
N SER A 142 8.71 -2.17 14.59
CA SER A 142 7.65 -2.80 15.34
C SER A 142 7.38 -4.20 14.78
N GLU A 143 6.98 -5.14 15.65
CA GLU A 143 6.57 -6.47 15.25
C GLU A 143 5.05 -6.62 15.24
N ASN A 144 4.33 -5.52 15.42
CA ASN A 144 2.88 -5.55 15.31
C ASN A 144 2.46 -5.91 13.90
N ARG A 145 1.38 -6.65 13.82
CA ARG A 145 0.90 -7.16 12.52
C ARG A 145 0.52 -6.03 11.57
N VAL A 146 -0.10 -4.98 12.16
CA VAL A 146 -0.33 -3.73 11.49
C VAL A 146 0.17 -2.64 12.44
N GLU A 147 0.87 -1.66 11.88
CA GLU A 147 1.37 -0.52 12.63
C GLU A 147 0.84 0.73 11.96
N LYS A 148 0.07 1.54 12.69
CA LYS A 148 -0.34 2.84 12.16
C LYS A 148 0.25 3.93 13.04
N ASP A 149 1.16 4.71 12.47
CA ASP A 149 1.74 5.86 13.13
C ASP A 149 1.36 7.10 12.31
N GLY A 150 0.29 7.75 12.76
CA GLY A 150 -0.24 8.90 12.04
C GLY A 150 -0.65 8.46 10.66
N LEU A 151 -0.08 9.09 9.63
CA LEU A 151 -0.46 8.83 8.25
C LEU A 151 0.47 7.85 7.52
N ILE A 152 1.27 7.11 8.29
CA ILE A 152 2.09 6.00 7.77
C ILE A 152 1.58 4.70 8.37
N LEU A 153 1.05 3.84 7.50
CA LEU A 153 0.39 2.63 7.90
C LEU A 153 1.12 1.48 7.24
N THR A 154 1.69 0.60 8.05
CA THR A 154 2.46 -0.50 7.50
C THR A 154 2.00 -1.86 8.03
N SER A 155 2.40 -2.92 7.33
CA SER A 155 2.00 -4.27 7.75
C SER A 155 3.01 -5.28 7.22
N ARG A 156 2.86 -6.53 7.63
CA ARG A 156 3.96 -7.51 7.55
C ARG A 156 3.98 -8.49 6.38
N GLY A 157 2.82 -8.96 5.92
CA GLY A 157 2.86 -10.03 4.92
C GLY A 157 1.51 -10.45 4.38
N PRO A 158 1.51 -11.48 3.52
CA PRO A 158 0.23 -11.92 2.96
C PRO A 158 -0.79 -12.20 4.03
N GLY A 159 -0.32 -12.83 5.11
CA GLY A 159 -1.18 -13.23 6.20
C GLY A 159 -1.67 -12.12 7.08
N THR A 160 -1.15 -10.90 6.90
CA THR A 160 -1.67 -9.72 7.60
C THR A 160 -2.45 -8.81 6.62
N SER A 161 -2.69 -9.26 5.38
CA SER A 161 -3.27 -8.40 4.34
C SER A 161 -4.72 -8.01 4.67
N PHE A 162 -5.50 -8.91 5.26
CA PHE A 162 -6.87 -8.52 5.64
C PHE A 162 -6.85 -7.45 6.73
N GLU A 163 -6.01 -7.64 7.74
CA GLU A 163 -5.86 -6.69 8.81
C GLU A 163 -5.41 -5.32 8.29
N PHE A 164 -4.43 -5.34 7.40
CA PHE A 164 -3.91 -4.14 6.74
C PHE A 164 -5.04 -3.44 5.99
N ALA A 165 -5.76 -4.20 5.17
CA ALA A 165 -6.84 -3.61 4.38
C ALA A 165 -7.93 -3.00 5.27
N LEU A 166 -8.30 -3.72 6.32
CA LEU A 166 -9.32 -3.23 7.25
C LEU A 166 -8.86 -2.02 8.05
N ALA A 167 -7.56 -1.94 8.34
CA ALA A 167 -7.01 -0.73 8.96
C ALA A 167 -7.13 0.48 8.02
N ILE A 168 -6.88 0.29 6.74
CA ILE A 168 -7.07 1.36 5.75
C ILE A 168 -8.55 1.78 5.76
N VAL A 169 -9.42 0.79 5.74
CA VAL A 169 -10.85 1.08 5.73
C VAL A 169 -11.26 1.89 6.95
N GLU A 170 -10.77 1.47 8.11
CA GLU A 170 -11.07 2.17 9.35
C GLU A 170 -10.55 3.61 9.30
N ALA A 171 -9.34 3.79 8.78
CA ALA A 171 -8.76 5.13 8.69
C ALA A 171 -9.55 6.09 7.83
N LEU A 172 -10.08 5.57 6.71
CA LEU A 172 -10.81 6.39 5.72
C LEU A 172 -12.31 6.51 6.05
N ASN A 173 -12.92 5.38 6.39
CA ASN A 173 -14.38 5.32 6.51
C ASN A 173 -14.92 5.05 7.92
N GLY A 174 -14.03 4.83 8.89
CA GLY A 174 -14.41 4.61 10.26
C GLY A 174 -14.54 3.16 10.71
N LYS A 175 -14.51 2.99 12.02
CA LYS A 175 -14.59 1.71 12.69
C LYS A 175 -15.85 0.93 12.30
N GLU A 176 -16.99 1.59 12.20
CA GLU A 176 -18.24 0.87 12.01
C GLU A 176 -18.28 0.28 10.58
N VAL A 177 -17.88 1.05 9.59
CA VAL A 177 -17.78 0.51 8.23
C VAL A 177 -16.77 -0.65 8.16
N ALA A 178 -15.60 -0.49 8.76
CA ALA A 178 -14.64 -1.60 8.80
C ALA A 178 -15.26 -2.88 9.41
N ALA A 179 -16.01 -2.74 10.50
CA ALA A 179 -16.66 -3.88 11.13
C ALA A 179 -17.71 -4.52 10.24
N GLN A 180 -18.50 -3.68 9.56
CA GLN A 180 -19.51 -4.14 8.61
CA GLN A 180 -19.50 -4.20 8.65
C GLN A 180 -18.88 -4.92 7.45
N VAL A 181 -17.77 -4.41 6.92
CA VAL A 181 -17.08 -5.04 5.78
C VAL A 181 -16.44 -6.35 6.26
N LYS A 182 -15.91 -6.34 7.48
CA LYS A 182 -15.22 -7.55 8.02
C LYS A 182 -16.12 -8.78 8.21
N ALA A 183 -17.34 -8.55 8.71
CA ALA A 183 -18.13 -9.70 9.16
C ALA A 183 -18.40 -10.76 8.07
N PRO A 184 -18.76 -10.34 6.84
CA PRO A 184 -18.99 -11.39 5.83
C PRO A 184 -17.75 -12.11 5.33
N LEU A 185 -16.56 -11.65 5.71
CA LEU A 185 -15.34 -12.24 5.18
C LEU A 185 -14.96 -13.57 5.86
N VAL A 186 -15.55 -13.87 7.00
CA VAL A 186 -15.24 -15.08 7.76
C VAL A 186 -13.76 -15.09 8.21
N LEU A 187 -13.34 -13.97 8.77
CA LEU A 187 -12.01 -13.88 9.37
C LEU A 187 -11.98 -14.47 10.78
N LYS A 188 -10.81 -14.94 11.21
CA LYS A 188 -10.69 -15.51 12.57
C LYS A 188 -10.64 -14.35 13.56
#